data_4UGT
#
_entry.id   4UGT
#
_cell.length_a   80.710
_cell.length_b   94.800
_cell.length_c   62.050
_cell.angle_alpha   90.00
_cell.angle_beta   90.00
_cell.angle_gamma   90.00
#
_symmetry.space_group_name_H-M   'P 21 21 2'
#
loop_
_entity.id
_entity.type
_entity.pdbx_description
1 polymer 'NITRIC OXIDE SYNTHASE OXYGENASE'
2 non-polymer 'PROTOPORPHYRIN IX CONTAINING FE'
3 non-polymer 5,6,7,8-TETRAHYDROBIOPTERIN
4 non-polymer 'CHLORIDE ION'
5 non-polymer N-[3-[[(3R)-pyrrolidin-3-yl]oxymethyl]phenyl]thiophene-2-carboximidamide
6 non-polymer GLYCEROL
7 water water
#
_entity_poly.entity_id   1
_entity_poly.type   'polypeptide(L)'
_entity_poly.pdbx_seq_one_letter_code
;MEEKEILWNEAKAFIAACYQELGKAAEVKDRLADIKSEIDLTGSYVHTKEELEHGAKMAWRNSNRCIGRLFWNSLNVIDR
RDVRTKEEVRDALFHHIETATNNGKIRPTITIFPPEEKGEKQVEIWNHQLIRYAGYESDGERIGDPASCSLTAACEELGW
RGERTDFDLLPLIFRMKGDEQPVWYELPRSLVIEVPITHPDIEAFSDLELKWYGVPIISDMKLEVGGIHYNAAPFNGWYM
GTEIGARNLADEKRYDKLKKVASVIGIAADYNTDLWKDQALVELNKAVLHSYKKQGVSIVDHHTAASQFKRFEEQAEEAG
RKLTGDWTWLIPPISPAATHIFHRSYDNSIVKPNYFYQDKPYE
;
_entity_poly.pdbx_strand_id   A
#
loop_
_chem_comp.id
_chem_comp.type
_chem_comp.name
_chem_comp.formula
CL non-polymer 'CHLORIDE ION' 'Cl -1'
GOL non-polymer GLYCEROL 'C3 H8 O3'
H4B non-polymer 5,6,7,8-TETRAHYDROBIOPTERIN 'C9 H15 N5 O3'
HEM non-polymer 'PROTOPORPHYRIN IX CONTAINING FE' 'C34 H32 Fe N4 O4'
UGT non-polymer N-[3-[[(3R)-pyrrolidin-3-yl]oxymethyl]phenyl]thiophene-2-carboximidamide 'C16 H19 N3 O S'
#
# COMPACT_ATOMS: atom_id res chain seq x y z
N GLU A 3 -27.74 -14.22 -0.10
CA GLU A 3 -26.29 -14.20 -0.13
C GLU A 3 -25.72 -14.29 -1.55
N LYS A 4 -26.26 -15.23 -2.33
CA LYS A 4 -25.88 -15.38 -3.73
C LYS A 4 -26.68 -14.40 -4.59
N GLU A 5 -27.49 -13.58 -3.92
CA GLU A 5 -28.25 -12.52 -4.56
C GLU A 5 -27.37 -11.28 -4.71
N ILE A 6 -26.74 -10.87 -3.62
CA ILE A 6 -25.79 -9.75 -3.62
C ILE A 6 -24.59 -10.04 -4.53
N LEU A 7 -24.16 -11.29 -4.55
CA LEU A 7 -23.05 -11.71 -5.41
C LEU A 7 -23.43 -11.59 -6.88
N TRP A 8 -24.63 -12.06 -7.21
CA TRP A 8 -25.15 -11.99 -8.57
C TRP A 8 -25.30 -10.54 -9.04
N ASN A 9 -25.79 -9.68 -8.15
CA ASN A 9 -25.99 -8.26 -8.46
C ASN A 9 -24.68 -7.52 -8.74
N GLU A 10 -23.69 -7.70 -7.88
CA GLU A 10 -22.38 -7.10 -8.07
C GLU A 10 -21.71 -7.63 -9.33
N ALA A 11 -21.91 -8.93 -9.59
CA ALA A 11 -21.37 -9.57 -10.79
C ALA A 11 -21.90 -8.96 -12.08
N LYS A 12 -23.20 -8.69 -12.10
CA LYS A 12 -23.84 -8.06 -13.26
C LYS A 12 -23.29 -6.66 -13.52
N ALA A 13 -23.17 -5.87 -12.46
CA ALA A 13 -22.62 -4.53 -12.56
C ALA A 13 -21.16 -4.53 -13.02
N PHE A 14 -20.37 -5.45 -12.48
CA PHE A 14 -18.94 -5.51 -12.81
C PHE A 14 -18.65 -5.96 -14.24
N ILE A 15 -19.15 -7.14 -14.61
CA ILE A 15 -18.89 -7.69 -15.94
C ILE A 15 -19.32 -6.73 -17.05
N ALA A 16 -20.49 -6.12 -16.89
CA ALA A 16 -20.99 -5.15 -17.86
C ALA A 16 -20.01 -3.99 -18.06
N ALA A 17 -19.55 -3.41 -16.96
CA ALA A 17 -18.61 -2.29 -17.00
C ALA A 17 -17.23 -2.70 -17.49
N CYS A 18 -16.71 -3.80 -16.94
CA CYS A 18 -15.39 -4.32 -17.32
C CYS A 18 -15.31 -4.66 -18.81
N TYR A 19 -16.27 -5.44 -19.29
CA TYR A 19 -16.32 -5.82 -20.70
C TYR A 19 -16.56 -4.62 -21.60
N GLN A 20 -17.30 -3.64 -21.09
CA GLN A 20 -17.54 -2.40 -21.83
C GLN A 20 -16.21 -1.67 -22.07
N GLU A 21 -15.41 -1.55 -21.01
CA GLU A 21 -14.12 -0.87 -21.11
C GLU A 21 -13.13 -1.65 -21.96
N LEU A 22 -13.29 -2.97 -22.00
CA LEU A 22 -12.37 -3.84 -22.74
C LEU A 22 -12.79 -4.03 -24.20
N GLY A 23 -13.92 -3.45 -24.58
CA GLY A 23 -14.42 -3.56 -25.94
C GLY A 23 -15.09 -4.90 -26.20
N LYS A 24 -15.46 -5.58 -25.13
CA LYS A 24 -16.08 -6.90 -25.22
C LYS A 24 -17.55 -6.86 -24.81
N ALA A 25 -18.24 -5.76 -25.12
CA ALA A 25 -19.62 -5.57 -24.68
C ALA A 25 -20.60 -6.64 -25.20
N ALA A 26 -20.27 -7.26 -26.32
CA ALA A 26 -21.12 -8.28 -26.93
C ALA A 26 -21.02 -9.63 -26.21
N GLU A 27 -19.87 -9.88 -25.59
CA GLU A 27 -19.60 -11.15 -24.90
C GLU A 27 -20.21 -11.19 -23.50
N VAL A 28 -20.91 -10.12 -23.14
CA VAL A 28 -21.46 -9.96 -21.79
C VAL A 28 -22.55 -10.98 -21.44
N LYS A 29 -23.61 -11.02 -22.22
CA LYS A 29 -24.76 -11.88 -21.92
C LYS A 29 -24.39 -13.34 -21.71
N ASP A 30 -23.54 -13.88 -22.59
CA ASP A 30 -23.12 -15.27 -22.50
C ASP A 30 -22.21 -15.52 -21.31
N ARG A 31 -21.39 -14.55 -20.96
CA ARG A 31 -20.54 -14.65 -19.78
C ARG A 31 -21.38 -14.54 -18.52
N LEU A 32 -22.34 -13.62 -18.52
CA LEU A 32 -23.28 -13.48 -17.41
C LEU A 32 -24.15 -14.73 -17.28
N ALA A 33 -24.42 -15.38 -18.40
CA ALA A 33 -25.14 -16.64 -18.41
C ALA A 33 -24.37 -17.70 -17.63
N ASP A 34 -23.15 -17.96 -18.06
CA ASP A 34 -22.27 -18.93 -17.42
C ASP A 34 -22.11 -18.68 -15.92
N ILE A 35 -21.94 -17.41 -15.56
CA ILE A 35 -21.78 -17.02 -14.16
C ILE A 35 -23.01 -17.36 -13.33
N LYS A 36 -24.19 -17.02 -13.85
CA LYS A 36 -25.45 -17.32 -13.16
C LYS A 36 -25.60 -18.81 -12.88
N SER A 37 -25.16 -19.64 -13.82
CA SER A 37 -25.18 -21.08 -13.64
C SER A 37 -24.14 -21.49 -12.61
N GLU A 38 -22.92 -20.96 -12.77
CA GLU A 38 -21.82 -21.26 -11.85
C GLU A 38 -22.15 -20.88 -10.41
N ILE A 39 -22.85 -19.76 -10.22
CA ILE A 39 -23.30 -19.34 -8.90
C ILE A 39 -24.34 -20.32 -8.34
N ASP A 40 -25.37 -20.61 -9.14
CA ASP A 40 -26.42 -21.54 -8.76
C ASP A 40 -25.86 -22.90 -8.31
N LEU A 41 -24.91 -23.41 -9.07
CA LEU A 41 -24.36 -24.74 -8.83
C LEU A 41 -23.28 -24.77 -7.75
N THR A 42 -22.48 -23.70 -7.67
CA THR A 42 -21.29 -23.70 -6.81
C THR A 42 -21.34 -22.72 -5.64
N GLY A 43 -22.17 -21.68 -5.73
CA GLY A 43 -22.29 -20.72 -4.64
C GLY A 43 -21.34 -19.54 -4.81
N SER A 44 -20.60 -19.55 -5.91
CA SER A 44 -19.69 -18.46 -6.25
C SER A 44 -19.29 -18.59 -7.72
N TYR A 45 -18.40 -17.71 -8.19
CA TYR A 45 -17.90 -17.80 -9.56
C TYR A 45 -16.42 -17.44 -9.64
N VAL A 46 -15.79 -17.83 -10.74
CA VAL A 46 -14.35 -17.64 -10.91
C VAL A 46 -14.04 -16.66 -12.03
N HIS A 47 -13.29 -15.61 -11.70
CA HIS A 47 -12.90 -14.60 -12.68
C HIS A 47 -11.94 -15.17 -13.72
N THR A 48 -12.07 -14.70 -14.95
CA THR A 48 -11.07 -14.96 -15.98
C THR A 48 -9.85 -14.13 -15.63
N LYS A 49 -8.72 -14.43 -16.25
CA LYS A 49 -7.50 -13.65 -16.00
C LYS A 49 -7.71 -12.19 -16.39
N GLU A 50 -8.46 -11.98 -17.47
CA GLU A 50 -8.71 -10.64 -18.01
C GLU A 50 -9.58 -9.82 -17.06
N GLU A 51 -10.63 -10.44 -16.52
CA GLU A 51 -11.51 -9.77 -15.57
C GLU A 51 -10.77 -9.42 -14.29
N LEU A 52 -9.95 -10.36 -13.81
CA LEU A 52 -9.19 -10.17 -12.58
C LEU A 52 -8.16 -9.05 -12.72
N GLU A 53 -7.41 -9.09 -13.82
CA GLU A 53 -6.42 -8.06 -14.10
C GLU A 53 -7.05 -6.67 -14.16
N HIS A 54 -8.14 -6.56 -14.93
CA HIS A 54 -8.81 -5.28 -15.10
C HIS A 54 -9.53 -4.85 -13.83
N GLY A 55 -10.10 -5.81 -13.11
CA GLY A 55 -10.77 -5.53 -11.85
C GLY A 55 -9.84 -4.94 -10.81
N ALA A 56 -8.60 -5.44 -10.79
CA ALA A 56 -7.58 -4.92 -9.89
C ALA A 56 -7.17 -3.50 -10.29
N LYS A 57 -7.18 -3.23 -11.59
CA LYS A 57 -6.85 -1.90 -12.11
C LYS A 57 -7.98 -0.91 -11.83
N MET A 58 -9.22 -1.36 -12.00
CA MET A 58 -10.38 -0.53 -11.72
C MET A 58 -10.44 -0.16 -10.23
N ALA A 59 -10.06 -1.11 -9.39
CA ALA A 59 -10.08 -0.91 -7.95
C ALA A 59 -9.11 0.20 -7.53
N TRP A 60 -7.93 0.20 -8.13
CA TRP A 60 -6.93 1.24 -7.90
C TRP A 60 -7.49 2.59 -8.36
N ARG A 61 -8.14 2.58 -9.51
CA ARG A 61 -8.72 3.79 -10.10
C ARG A 61 -9.80 4.39 -9.21
N ASN A 62 -10.47 3.53 -8.43
CA ASN A 62 -11.57 3.96 -7.56
C ASN A 62 -11.12 4.28 -6.14
N SER A 63 -9.82 4.16 -5.88
CA SER A 63 -9.29 4.44 -4.54
C SER A 63 -9.25 5.93 -4.26
N ASN A 64 -10.31 6.44 -3.63
CA ASN A 64 -10.48 7.87 -3.38
C ASN A 64 -9.29 8.56 -2.68
N ARG A 65 -8.55 7.79 -1.88
CA ARG A 65 -7.46 8.35 -1.09
C ARG A 65 -6.11 8.32 -1.78
N CYS A 66 -6.06 7.76 -2.99
CA CYS A 66 -4.80 7.63 -3.71
C CYS A 66 -4.54 8.76 -4.71
N ILE A 67 -3.41 9.43 -4.53
CA ILE A 67 -2.99 10.54 -5.39
C ILE A 67 -2.25 10.03 -6.63
N GLY A 68 -1.84 8.77 -6.61
CA GLY A 68 -1.02 8.24 -7.69
C GLY A 68 -1.77 7.45 -8.74
N ARG A 69 -3.07 7.72 -8.85
CA ARG A 69 -3.97 6.93 -9.70
C ARG A 69 -3.80 7.11 -11.21
N LEU A 70 -2.97 8.05 -11.63
CA LEU A 70 -2.77 8.31 -13.06
C LEU A 70 -2.35 7.06 -13.82
N PHE A 71 -1.53 6.23 -13.17
CA PHE A 71 -0.95 5.06 -13.81
C PHE A 71 -1.70 3.78 -13.46
N TRP A 72 -3.01 3.91 -13.22
CA TRP A 72 -3.86 2.78 -12.84
C TRP A 72 -3.81 1.63 -13.86
N ASN A 73 -3.70 1.98 -15.14
CA ASN A 73 -3.76 0.99 -16.22
C ASN A 73 -2.45 0.22 -16.43
N SER A 74 -1.37 0.66 -15.80
CA SER A 74 -0.08 0.00 -15.96
C SER A 74 0.23 -0.97 -14.83
N LEU A 75 -0.78 -1.25 -13.99
CA LEU A 75 -0.61 -2.16 -12.86
C LEU A 75 -0.21 -3.57 -13.31
N ASN A 76 0.85 -4.09 -12.72
CA ASN A 76 1.31 -5.46 -12.99
C ASN A 76 0.58 -6.46 -12.10
N VAL A 77 -0.33 -7.23 -12.68
CA VAL A 77 -1.17 -8.13 -11.90
C VAL A 77 -0.68 -9.58 -11.95
N ILE A 78 -0.36 -10.13 -10.79
CA ILE A 78 0.08 -11.53 -10.70
C ILE A 78 -1.03 -12.42 -10.14
N ASP A 79 -1.48 -13.37 -10.94
CA ASP A 79 -2.54 -14.29 -10.56
C ASP A 79 -1.97 -15.50 -9.82
N ARG A 80 -2.07 -15.48 -8.49
CA ARG A 80 -1.64 -16.62 -7.69
C ARG A 80 -2.80 -17.28 -6.95
N ARG A 81 -3.93 -17.44 -7.64
CA ARG A 81 -5.09 -18.11 -7.07
C ARG A 81 -4.88 -19.62 -6.96
N ASP A 82 -3.73 -20.08 -7.44
CA ASP A 82 -3.40 -21.50 -7.49
C ASP A 82 -2.72 -22.02 -6.21
N VAL A 83 -2.30 -21.11 -5.34
CA VAL A 83 -1.55 -21.52 -4.15
C VAL A 83 -2.41 -22.31 -3.16
N ARG A 84 -1.79 -23.29 -2.51
CA ARG A 84 -2.49 -24.16 -1.56
C ARG A 84 -1.64 -24.37 -0.30
N THR A 85 -0.34 -24.10 -0.43
CA THR A 85 0.60 -24.34 0.67
C THR A 85 1.24 -23.05 1.17
N LYS A 86 1.67 -23.06 2.42
CA LYS A 86 2.32 -21.90 3.03
C LYS A 86 3.69 -21.62 2.42
N GLU A 87 4.34 -22.66 1.88
CA GLU A 87 5.57 -22.49 1.13
C GLU A 87 5.31 -21.78 -0.19
N GLU A 88 4.17 -22.09 -0.81
CA GLU A 88 3.75 -21.43 -2.04
C GLU A 88 3.42 -19.96 -1.79
N VAL A 89 2.73 -19.69 -0.68
CA VAL A 89 2.41 -18.31 -0.30
C VAL A 89 3.68 -17.51 -0.03
N ARG A 90 4.57 -18.08 0.79
CA ARG A 90 5.83 -17.44 1.16
C ARG A 90 6.66 -17.07 -0.07
N ASP A 91 6.78 -18.02 -1.01
CA ASP A 91 7.54 -17.81 -2.24
C ASP A 91 6.84 -16.81 -3.17
N ALA A 92 5.51 -16.77 -3.11
CA ALA A 92 4.75 -15.78 -3.86
C ALA A 92 5.04 -14.38 -3.33
N LEU A 93 5.01 -14.25 -2.00
CA LEU A 93 5.33 -12.99 -1.34
C LEU A 93 6.78 -12.59 -1.58
N PHE A 94 7.68 -13.56 -1.50
CA PHE A 94 9.08 -13.35 -1.81
C PHE A 94 9.25 -12.83 -3.22
N HIS A 95 8.56 -13.48 -4.16
CA HIS A 95 8.63 -13.10 -5.57
C HIS A 95 8.06 -11.70 -5.83
N HIS A 96 6.95 -11.38 -5.16
CA HIS A 96 6.33 -10.06 -5.30
C HIS A 96 7.35 -8.97 -4.97
N ILE A 97 7.99 -9.12 -3.82
CA ILE A 97 9.02 -8.18 -3.37
C ILE A 97 10.12 -8.00 -4.42
N GLU A 98 10.57 -9.11 -5.00
CA GLU A 98 11.65 -9.08 -5.99
C GLU A 98 11.24 -8.40 -7.29
N THR A 99 10.10 -8.80 -7.86
CA THR A 99 9.65 -8.25 -9.13
C THR A 99 9.18 -6.80 -9.02
N ALA A 100 8.57 -6.45 -7.90
CA ALA A 100 8.12 -5.09 -7.68
C ALA A 100 9.30 -4.15 -7.47
N THR A 101 10.29 -4.60 -6.71
CA THR A 101 11.49 -3.81 -6.46
C THR A 101 12.22 -3.51 -7.78
N ASN A 102 12.43 -4.54 -8.58
CA ASN A 102 13.05 -4.41 -9.90
C ASN A 102 14.34 -3.59 -9.88
N ASN A 103 15.22 -3.93 -8.96
CA ASN A 103 16.52 -3.25 -8.81
C ASN A 103 16.41 -1.75 -8.51
N GLY A 104 15.27 -1.32 -8.00
CA GLY A 104 15.07 0.08 -7.68
C GLY A 104 14.09 0.80 -8.60
N LYS A 105 13.94 0.30 -9.81
CA LYS A 105 12.97 0.85 -10.75
C LYS A 105 11.62 0.17 -10.52
N ILE A 106 10.96 0.58 -9.44
CA ILE A 106 9.77 -0.10 -8.92
C ILE A 106 8.62 -0.28 -9.91
N ARG A 107 8.14 -1.51 -10.03
CA ARG A 107 6.95 -1.81 -10.80
C ARG A 107 5.75 -1.89 -9.87
N PRO A 108 4.74 -1.03 -10.11
CA PRO A 108 3.49 -1.15 -9.37
C PRO A 108 2.90 -2.54 -9.62
N THR A 109 2.76 -3.33 -8.56
CA THR A 109 2.42 -4.73 -8.71
C THR A 109 1.40 -5.17 -7.65
N ILE A 110 0.55 -6.12 -8.00
CA ILE A 110 -0.34 -6.76 -7.05
C ILE A 110 -0.29 -8.27 -7.24
N THR A 111 -0.19 -9.01 -6.14
CA THR A 111 -0.25 -10.47 -6.20
C THR A 111 -1.58 -10.89 -5.59
N ILE A 112 -2.37 -11.64 -6.35
CA ILE A 112 -3.72 -12.00 -5.93
C ILE A 112 -3.84 -13.47 -5.51
N PHE A 113 -4.20 -13.69 -4.25
CA PHE A 113 -4.31 -15.02 -3.69
C PHE A 113 -5.77 -15.49 -3.76
N PRO A 114 -6.04 -16.79 -3.49
CA PRO A 114 -7.43 -17.27 -3.51
C PRO A 114 -8.34 -16.42 -2.63
N PRO A 115 -9.56 -16.14 -3.10
CA PRO A 115 -10.53 -15.30 -2.39
C PRO A 115 -11.24 -16.06 -1.28
N GLU A 116 -12.03 -15.34 -0.48
CA GLU A 116 -12.87 -15.97 0.55
C GLU A 116 -13.90 -16.87 -0.12
N GLU A 117 -14.22 -17.99 0.52
CA GLU A 117 -15.25 -18.89 -0.01
C GLU A 117 -16.62 -18.56 0.55
N LYS A 118 -16.85 -18.91 1.81
CA LYS A 118 -18.09 -18.56 2.49
C LYS A 118 -17.83 -17.46 3.50
N GLY A 119 -16.92 -16.55 3.15
CA GLY A 119 -16.42 -15.58 4.10
C GLY A 119 -15.25 -16.20 4.83
N GLU A 120 -14.91 -17.42 4.44
CA GLU A 120 -13.78 -18.13 5.01
C GLU A 120 -12.52 -17.83 4.21
N LYS A 121 -11.50 -17.33 4.90
CA LYS A 121 -10.25 -16.96 4.24
C LYS A 121 -9.41 -18.19 3.91
N GLN A 122 -8.86 -18.21 2.70
CA GLN A 122 -7.94 -19.26 2.30
C GLN A 122 -6.56 -18.93 2.86
N VAL A 123 -6.19 -17.66 2.72
CA VAL A 123 -4.93 -17.15 3.22
C VAL A 123 -5.19 -15.86 4.01
N GLU A 124 -4.56 -15.74 5.17
CA GLU A 124 -4.80 -14.62 6.08
C GLU A 124 -3.48 -13.93 6.44
N ILE A 125 -3.22 -12.80 5.80
CA ILE A 125 -1.96 -12.08 5.99
C ILE A 125 -2.03 -11.10 7.17
N TRP A 126 -1.08 -11.23 8.10
CA TRP A 126 -1.06 -10.41 9.31
C TRP A 126 -0.28 -9.12 9.14
N ASN A 127 0.64 -9.11 8.19
CA ASN A 127 1.46 -7.93 7.91
C ASN A 127 0.62 -6.76 7.40
N HIS A 128 0.94 -5.55 7.86
CA HIS A 128 0.35 -4.34 7.31
C HIS A 128 0.99 -4.11 5.95
N GLN A 129 2.32 -4.05 5.96
CA GLN A 129 3.11 -4.06 4.73
C GLN A 129 4.07 -5.23 4.78
N LEU A 130 4.40 -5.79 3.62
CA LEU A 130 5.32 -6.92 3.55
C LEU A 130 6.68 -6.57 4.14
N ILE A 131 7.10 -5.33 3.92
CA ILE A 131 8.33 -4.82 4.49
C ILE A 131 8.03 -3.69 5.48
N ARG A 132 8.25 -3.95 6.76
CA ARG A 132 8.05 -2.93 7.80
C ARG A 132 8.92 -3.17 9.02
N TYR A 133 9.22 -2.10 9.74
CA TYR A 133 10.10 -2.15 10.90
C TYR A 133 9.34 -2.47 12.18
N ALA A 134 9.95 -3.27 13.05
CA ALA A 134 9.34 -3.63 14.32
C ALA A 134 9.31 -2.44 15.27
N GLY A 135 8.49 -2.55 16.31
CA GLY A 135 8.37 -1.51 17.31
C GLY A 135 8.26 -2.12 18.70
N TYR A 136 8.97 -1.54 19.65
CA TYR A 136 8.99 -2.06 21.00
C TYR A 136 8.77 -0.94 22.03
N GLU A 137 7.97 -1.24 23.04
CA GLU A 137 7.75 -0.33 24.16
C GLU A 137 7.87 -1.11 25.46
N SER A 138 8.89 -0.78 26.25
CA SER A 138 9.12 -1.44 27.53
C SER A 138 9.63 -0.45 28.56
N ASP A 139 8.80 -0.17 29.57
CA ASP A 139 9.05 0.83 30.62
C ASP A 139 9.94 2.02 30.22
N GLY A 140 9.33 3.03 29.59
CA GLY A 140 10.05 4.23 29.21
C GLY A 140 10.94 4.07 27.99
N GLU A 141 11.35 2.84 27.71
CA GLU A 141 12.21 2.56 26.58
C GLU A 141 11.40 2.34 25.30
N ARG A 142 11.51 3.29 24.38
CA ARG A 142 10.79 3.20 23.12
C ARG A 142 11.76 2.96 21.95
N ILE A 143 11.53 1.86 21.22
CA ILE A 143 12.43 1.45 20.15
C ILE A 143 11.66 1.12 18.87
N GLY A 144 12.17 1.60 17.73
CA GLY A 144 11.60 1.25 16.44
C GLY A 144 10.34 2.00 16.08
N ASP A 145 9.47 1.34 15.32
CA ASP A 145 8.23 1.96 14.83
C ASP A 145 7.04 1.61 15.72
N PRO A 146 6.56 2.60 16.50
CA PRO A 146 5.44 2.40 17.43
C PRO A 146 4.17 1.89 16.75
N ALA A 147 4.00 2.19 15.47
CA ALA A 147 2.87 1.69 14.70
C ALA A 147 2.89 0.17 14.55
N SER A 148 4.06 -0.42 14.77
CA SER A 148 4.23 -1.86 14.66
C SER A 148 4.28 -2.57 16.01
N CYS A 149 4.00 -1.84 17.08
CA CYS A 149 4.09 -2.39 18.45
C CYS A 149 3.23 -3.63 18.67
N SER A 150 1.97 -3.60 18.24
CA SER A 150 1.06 -4.72 18.45
C SER A 150 1.40 -5.96 17.63
N LEU A 151 1.74 -5.76 16.35
CA LEU A 151 2.15 -6.87 15.48
C LEU A 151 3.47 -7.49 15.95
N THR A 152 4.39 -6.65 16.41
CA THR A 152 5.68 -7.10 16.90
C THR A 152 5.52 -8.00 18.13
N ALA A 153 4.70 -7.56 19.08
CA ALA A 153 4.40 -8.36 20.26
C ALA A 153 3.77 -9.68 19.85
N ALA A 154 2.90 -9.64 18.85
CA ALA A 154 2.25 -10.84 18.33
C ALA A 154 3.25 -11.81 17.73
N CYS A 155 4.18 -11.29 16.92
CA CYS A 155 5.24 -12.11 16.33
C CYS A 155 6.12 -12.74 17.40
N GLU A 156 6.48 -11.94 18.42
CA GLU A 156 7.32 -12.43 19.50
C GLU A 156 6.59 -13.43 20.40
N GLU A 157 5.27 -13.49 20.26
CA GLU A 157 4.47 -14.51 20.92
C GLU A 157 4.59 -15.85 20.20
N LEU A 158 5.10 -15.81 18.97
CA LEU A 158 5.16 -17.00 18.12
C LEU A 158 6.57 -17.57 17.94
N GLY A 159 7.53 -17.05 18.70
CA GLY A 159 8.88 -17.57 18.65
C GLY A 159 9.88 -16.69 17.92
N TRP A 160 9.39 -15.62 17.32
CA TRP A 160 10.27 -14.64 16.68
C TRP A 160 10.90 -13.78 17.76
N ARG A 161 12.10 -13.26 17.49
CA ARG A 161 12.75 -12.32 18.39
C ARG A 161 13.48 -11.27 17.57
N GLY A 162 13.21 -10.00 17.86
CA GLY A 162 13.86 -8.91 17.16
C GLY A 162 15.15 -8.51 17.84
N GLU A 163 16.09 -7.97 17.07
CA GLU A 163 17.37 -7.54 17.61
C GLU A 163 17.23 -6.24 18.38
N ARG A 164 16.06 -5.62 18.26
CA ARG A 164 15.73 -4.38 18.95
C ARG A 164 16.61 -3.21 18.53
N THR A 165 16.90 -3.15 17.23
CA THR A 165 17.40 -1.94 16.62
C THR A 165 16.16 -1.10 16.32
N ASP A 166 16.35 0.12 15.83
CA ASP A 166 15.22 0.94 15.45
C ASP A 166 14.65 0.53 14.09
N PHE A 167 15.33 -0.42 13.44
CA PHE A 167 14.93 -0.85 12.11
C PHE A 167 14.99 -2.37 11.91
N ASP A 168 14.41 -3.11 12.86
CA ASP A 168 14.28 -4.55 12.69
C ASP A 168 13.25 -4.85 11.61
N LEU A 169 13.64 -5.61 10.60
CA LEU A 169 12.68 -6.05 9.60
C LEU A 169 11.76 -7.10 10.21
N LEU A 170 10.46 -6.81 10.23
CA LEU A 170 9.47 -7.77 10.69
C LEU A 170 9.44 -8.97 9.75
N PRO A 171 9.11 -10.15 10.27
CA PRO A 171 9.00 -11.32 9.40
C PRO A 171 7.68 -11.30 8.67
N LEU A 172 7.58 -12.02 7.55
CA LEU A 172 6.29 -12.25 6.93
C LEU A 172 5.52 -13.15 7.88
N ILE A 173 4.27 -12.82 8.13
CA ILE A 173 3.44 -13.62 9.01
C ILE A 173 2.02 -13.74 8.47
N PHE A 174 1.60 -14.97 8.19
CA PHE A 174 0.30 -15.24 7.64
C PHE A 174 -0.21 -16.59 8.11
N ARG A 175 -1.51 -16.79 8.06
CA ARG A 175 -2.12 -18.03 8.52
C ARG A 175 -2.91 -18.68 7.40
N MET A 176 -2.68 -19.97 7.20
CA MET A 176 -3.40 -20.74 6.17
C MET A 176 -4.72 -21.24 6.73
N LYS A 177 -5.69 -21.46 5.85
CA LYS A 177 -6.99 -22.00 6.25
C LYS A 177 -6.81 -23.37 6.92
N GLY A 178 -7.49 -23.57 8.05
CA GLY A 178 -7.37 -24.81 8.79
C GLY A 178 -6.44 -24.69 9.98
N ASP A 179 -5.29 -24.05 9.76
CA ASP A 179 -4.31 -23.85 10.82
C ASP A 179 -4.86 -22.90 11.89
N GLU A 180 -4.45 -23.14 13.13
CA GLU A 180 -4.93 -22.35 14.26
C GLU A 180 -4.00 -21.17 14.48
N GLN A 181 -2.75 -21.32 14.09
CA GLN A 181 -1.75 -20.27 14.24
C GLN A 181 -1.13 -19.89 12.90
N PRO A 182 -0.62 -18.65 12.80
CA PRO A 182 0.09 -18.27 11.58
C PRO A 182 1.53 -18.77 11.64
N VAL A 183 2.16 -18.94 10.47
CA VAL A 183 3.59 -19.21 10.42
C VAL A 183 4.29 -17.89 10.20
N TRP A 184 5.57 -17.83 10.52
CA TRP A 184 6.35 -16.64 10.20
C TRP A 184 7.67 -17.01 9.52
N TYR A 185 8.07 -16.20 8.55
CA TYR A 185 9.32 -16.41 7.84
C TYR A 185 10.15 -15.12 7.85
N GLU A 186 11.39 -15.23 8.29
CA GLU A 186 12.31 -14.10 8.25
C GLU A 186 12.53 -13.68 6.80
N LEU A 187 12.69 -12.38 6.57
CA LEU A 187 12.94 -11.86 5.24
C LEU A 187 14.40 -11.97 4.84
N PRO A 188 14.67 -12.45 3.62
CA PRO A 188 16.03 -12.43 3.08
C PRO A 188 16.46 -10.98 2.83
N ARG A 189 17.53 -10.54 3.49
CA ARG A 189 18.00 -9.16 3.38
C ARG A 189 18.30 -8.78 1.93
N SER A 190 18.74 -9.75 1.14
CA SER A 190 19.08 -9.53 -0.26
C SER A 190 17.88 -9.09 -1.09
N LEU A 191 16.68 -9.33 -0.57
CA LEU A 191 15.44 -8.98 -1.26
C LEU A 191 14.92 -7.60 -0.86
N VAL A 192 15.41 -7.08 0.26
CA VAL A 192 14.94 -5.80 0.78
C VAL A 192 15.92 -4.66 0.52
N ILE A 193 15.54 -3.74 -0.35
CA ILE A 193 16.32 -2.53 -0.57
C ILE A 193 16.00 -1.50 0.52
N GLU A 194 17.03 -0.92 1.11
CA GLU A 194 16.85 0.16 2.06
C GLU A 194 17.63 1.38 1.60
N VAL A 195 17.13 2.56 1.94
CA VAL A 195 17.75 3.80 1.56
C VAL A 195 18.21 4.57 2.79
N PRO A 196 19.53 4.72 2.96
CA PRO A 196 20.04 5.57 4.05
C PRO A 196 19.72 7.02 3.74
N ILE A 197 19.28 7.79 4.73
CA ILE A 197 18.89 9.17 4.48
C ILE A 197 20.07 10.13 4.63
N THR A 198 20.42 10.78 3.54
CA THR A 198 21.46 11.81 3.53
C THR A 198 20.89 13.10 2.96
N HIS A 199 21.56 14.21 3.26
CA HIS A 199 21.13 15.52 2.76
C HIS A 199 22.09 15.98 1.67
N PRO A 200 21.57 16.63 0.62
CA PRO A 200 22.42 17.06 -0.50
C PRO A 200 23.45 18.13 -0.12
N ASP A 201 23.15 18.93 0.89
CA ASP A 201 24.01 20.06 1.26
C ASP A 201 24.59 19.92 2.66
N ILE A 202 23.84 19.30 3.55
CA ILE A 202 24.20 19.22 4.97
C ILE A 202 24.79 17.85 5.33
N GLU A 203 26.10 17.80 5.55
CA GLU A 203 26.81 16.55 5.78
C GLU A 203 26.48 15.91 7.13
N ALA A 204 26.14 16.74 8.11
CA ALA A 204 25.86 16.25 9.46
C ALA A 204 24.55 15.45 9.54
N PHE A 205 23.76 15.51 8.48
CA PHE A 205 22.47 14.83 8.44
C PHE A 205 22.62 13.31 8.61
N SER A 206 23.76 12.78 8.18
CA SER A 206 24.04 11.35 8.30
C SER A 206 24.22 10.90 9.75
N ASP A 207 24.47 11.86 10.64
CA ASP A 207 24.64 11.55 12.07
C ASP A 207 23.34 11.03 12.68
N LEU A 208 22.22 11.32 12.02
CA LEU A 208 20.92 10.85 12.48
C LEU A 208 20.77 9.35 12.23
N GLU A 209 21.54 8.84 11.28
CA GLU A 209 21.52 7.43 10.90
C GLU A 209 20.10 6.97 10.57
N LEU A 210 19.39 7.81 9.81
CA LEU A 210 18.06 7.48 9.36
C LEU A 210 18.12 6.63 8.10
N LYS A 211 17.14 5.74 7.96
CA LYS A 211 16.95 5.02 6.71
C LYS A 211 15.50 4.58 6.60
N TRP A 212 15.09 4.20 5.40
CA TRP A 212 13.77 3.65 5.17
C TRP A 212 13.82 2.57 4.10
N TYR A 213 12.76 1.77 4.00
CA TYR A 213 12.72 0.70 3.00
C TYR A 213 12.25 1.24 1.66
N GLY A 214 12.66 0.58 0.58
CA GLY A 214 12.39 1.07 -0.76
C GLY A 214 10.95 0.96 -1.20
N VAL A 215 10.33 -0.19 -0.94
CA VAL A 215 9.02 -0.49 -1.51
C VAL A 215 7.92 -0.70 -0.47
N PRO A 216 6.91 0.18 -0.48
CA PRO A 216 5.73 0.04 0.38
C PRO A 216 4.74 -0.94 -0.23
N ILE A 217 4.55 -2.09 0.40
CA ILE A 217 3.68 -3.13 -0.14
C ILE A 217 2.52 -3.43 0.81
N ILE A 218 1.41 -2.71 0.65
CA ILE A 218 0.24 -2.87 1.51
C ILE A 218 -0.34 -4.28 1.40
N SER A 219 -0.42 -4.98 2.54
CA SER A 219 -0.80 -6.39 2.54
C SER A 219 -1.93 -6.75 3.50
N ASP A 220 -2.71 -5.77 3.93
CA ASP A 220 -3.81 -6.04 4.87
C ASP A 220 -5.17 -5.51 4.40
N MET A 221 -5.26 -5.13 3.12
CA MET A 221 -6.51 -4.62 2.58
C MET A 221 -7.20 -5.67 1.70
N LYS A 222 -8.53 -5.60 1.66
CA LYS A 222 -9.31 -6.52 0.83
C LYS A 222 -9.61 -5.94 -0.54
N LEU A 223 -9.25 -6.67 -1.58
CA LEU A 223 -9.64 -6.32 -2.94
C LEU A 223 -11.02 -6.90 -3.22
N GLU A 224 -11.97 -6.05 -3.55
CA GLU A 224 -13.29 -6.54 -3.95
C GLU A 224 -13.53 -6.31 -5.44
N VAL A 225 -13.81 -7.40 -6.15
CA VAL A 225 -14.07 -7.35 -7.58
C VAL A 225 -15.32 -8.15 -7.92
N GLY A 226 -16.39 -7.45 -8.28
CA GLY A 226 -17.63 -8.08 -8.68
C GLY A 226 -18.17 -9.14 -7.72
N GLY A 227 -18.24 -8.79 -6.44
CA GLY A 227 -18.78 -9.70 -5.45
C GLY A 227 -17.78 -10.68 -4.87
N ILE A 228 -16.59 -10.75 -5.47
CA ILE A 228 -15.57 -11.65 -4.99
C ILE A 228 -14.61 -10.91 -4.05
N HIS A 229 -14.37 -11.51 -2.89
CA HIS A 229 -13.57 -10.87 -1.85
C HIS A 229 -12.15 -11.44 -1.76
N TYR A 230 -11.21 -10.81 -2.45
CA TYR A 230 -9.80 -11.16 -2.35
C TYR A 230 -9.20 -10.45 -1.13
N ASN A 231 -9.35 -11.07 0.03
CA ASN A 231 -8.86 -10.51 1.29
C ASN A 231 -7.34 -10.46 1.34
N ALA A 232 -6.71 -11.37 0.60
CA ALA A 232 -5.25 -11.43 0.51
C ALA A 232 -4.80 -11.06 -0.90
N ALA A 233 -4.45 -9.79 -1.08
CA ALA A 233 -3.96 -9.30 -2.37
C ALA A 233 -3.01 -8.12 -2.17
N PRO A 234 -1.79 -8.39 -1.71
CA PRO A 234 -0.82 -7.32 -1.46
C PRO A 234 -0.48 -6.54 -2.73
N PHE A 235 -0.46 -5.21 -2.61
CA PHE A 235 -0.16 -4.35 -3.74
C PHE A 235 0.88 -3.30 -3.37
N ASN A 236 1.57 -2.78 -4.38
CA ASN A 236 2.58 -1.76 -4.16
C ASN A 236 2.66 -0.74 -5.28
N GLY A 237 3.16 0.44 -4.95
CA GLY A 237 3.58 1.42 -5.93
C GLY A 237 4.94 1.88 -5.47
N TRP A 238 5.25 3.15 -5.69
CA TRP A 238 6.42 3.76 -5.07
C TRP A 238 5.96 4.80 -4.06
N TYR A 239 6.87 5.23 -3.20
CA TYR A 239 6.54 6.22 -2.18
C TYR A 239 6.40 7.62 -2.76
N MET A 240 5.50 8.41 -2.17
CA MET A 240 5.58 9.85 -2.29
C MET A 240 6.43 10.26 -1.10
N GLY A 241 7.42 11.12 -1.33
CA GLY A 241 8.40 11.46 -0.32
C GLY A 241 7.82 11.88 1.02
N THR A 242 6.71 12.62 0.98
CA THR A 242 6.05 13.11 2.18
C THR A 242 5.60 12.00 3.13
N GLU A 243 5.30 10.83 2.58
CA GLU A 243 4.88 9.69 3.39
C GLU A 243 5.98 9.32 4.38
N ILE A 244 7.23 9.48 3.94
CA ILE A 244 8.39 9.13 4.75
C ILE A 244 8.88 10.31 5.58
N GLY A 245 9.09 11.45 4.92
CA GLY A 245 9.66 12.61 5.57
C GLY A 245 8.73 13.44 6.42
N ALA A 246 7.43 13.39 6.12
CA ALA A 246 6.46 14.24 6.81
C ALA A 246 5.56 13.46 7.77
N ARG A 247 5.60 12.13 7.69
CA ARG A 247 4.75 11.30 8.54
C ARG A 247 5.53 10.21 9.30
N ASN A 248 6.04 9.23 8.56
CA ASN A 248 6.77 8.11 9.15
C ASN A 248 7.93 8.52 10.06
N LEU A 249 8.68 9.53 9.64
CA LEU A 249 9.84 10.00 10.40
C LEU A 249 9.55 11.27 11.20
N ALA A 250 8.37 11.84 11.02
CA ALA A 250 8.05 13.14 11.63
C ALA A 250 7.00 13.09 12.73
N ASP A 251 6.01 12.22 12.59
CA ASP A 251 4.94 12.10 13.58
C ASP A 251 5.49 11.78 14.98
N GLU A 252 4.89 12.40 16.00
CA GLU A 252 5.30 12.14 17.37
C GLU A 252 5.02 10.69 17.78
N LYS A 253 3.98 10.11 17.19
CA LYS A 253 3.64 8.71 17.48
C LYS A 253 4.31 7.74 16.52
N ARG A 254 5.23 8.26 15.70
CA ARG A 254 6.11 7.42 14.89
C ARG A 254 7.54 7.61 15.34
N TYR A 255 8.43 7.95 14.41
CA TYR A 255 9.85 8.07 14.74
C TYR A 255 10.24 9.40 15.40
N ASP A 256 9.38 10.42 15.26
CA ASP A 256 9.50 11.67 16.02
C ASP A 256 10.90 12.30 15.91
N LYS A 257 11.34 12.58 14.69
CA LYS A 257 12.72 12.98 14.46
C LYS A 257 12.95 14.48 14.23
N LEU A 258 11.88 15.27 14.22
CA LEU A 258 11.98 16.69 13.88
C LEU A 258 12.94 17.49 14.77
N LYS A 259 12.91 17.23 16.08
CA LYS A 259 13.79 17.93 17.00
C LYS A 259 15.25 17.64 16.71
N LYS A 260 15.54 16.37 16.39
CA LYS A 260 16.90 15.96 16.06
C LYS A 260 17.33 16.50 14.70
N VAL A 261 16.38 16.60 13.77
CA VAL A 261 16.65 17.19 12.47
C VAL A 261 17.02 18.67 12.63
N ALA A 262 16.27 19.38 13.47
CA ALA A 262 16.54 20.78 13.73
C ALA A 262 17.96 20.98 14.29
N SER A 263 18.37 20.06 15.15
CA SER A 263 19.72 20.11 15.73
C SER A 263 20.81 19.96 14.67
N VAL A 264 20.69 18.95 13.81
CA VAL A 264 21.73 18.70 12.80
C VAL A 264 21.75 19.71 11.66
N ILE A 265 20.63 20.42 11.44
CA ILE A 265 20.62 21.49 10.44
C ILE A 265 20.97 22.84 11.07
N GLY A 266 21.19 22.83 12.38
CA GLY A 266 21.73 23.98 13.07
C GLY A 266 20.76 25.10 13.42
N ILE A 267 19.50 24.75 13.67
CA ILE A 267 18.52 25.74 14.12
C ILE A 267 17.96 25.38 15.50
N ALA A 268 17.55 26.40 16.25
CA ALA A 268 16.96 26.19 17.57
C ALA A 268 15.57 25.57 17.45
N ALA A 269 15.22 24.70 18.41
CA ALA A 269 13.89 24.11 18.46
C ALA A 269 13.16 24.58 19.72
N ASP A 270 13.23 25.88 19.97
CA ASP A 270 12.70 26.46 21.21
C ASP A 270 11.43 27.29 21.01
N TYR A 271 11.33 27.98 19.88
CA TYR A 271 10.21 28.89 19.66
C TYR A 271 9.32 28.50 18.47
N ASN A 272 8.01 28.43 18.72
CA ASN A 272 7.03 28.15 17.68
C ASN A 272 7.11 29.16 16.54
N THR A 273 7.37 30.41 16.89
CA THR A 273 7.41 31.51 15.92
C THR A 273 8.63 31.46 14.99
N ASP A 274 9.60 30.61 15.32
CA ASP A 274 10.75 30.39 14.45
C ASP A 274 10.39 29.41 13.34
N LEU A 275 9.25 28.73 13.51
CA LEU A 275 8.80 27.72 12.57
C LEU A 275 9.86 26.65 12.32
N TRP A 276 10.47 26.18 13.41
CA TRP A 276 11.56 25.19 13.30
C TRP A 276 11.06 23.83 12.84
N LYS A 277 9.83 23.49 13.20
CA LYS A 277 9.22 22.24 12.75
C LYS A 277 9.01 22.28 11.24
N ASP A 278 8.53 23.41 10.75
CA ASP A 278 8.29 23.60 9.33
C ASP A 278 9.59 23.48 8.55
N GLN A 279 10.63 24.14 9.06
CA GLN A 279 11.94 24.14 8.40
C GLN A 279 12.57 22.74 8.44
N ALA A 280 12.41 22.04 9.55
CA ALA A 280 12.95 20.69 9.68
C ALA A 280 12.24 19.73 8.73
N LEU A 281 10.92 19.90 8.61
CA LEU A 281 10.12 19.11 7.67
C LEU A 281 10.61 19.24 6.24
N VAL A 282 10.94 20.47 5.84
CA VAL A 282 11.42 20.74 4.48
C VAL A 282 12.77 20.07 4.20
N GLU A 283 13.72 20.26 5.12
CA GLU A 283 15.05 19.68 4.94
C GLU A 283 15.03 18.15 5.01
N LEU A 284 14.21 17.60 5.90
CA LEU A 284 14.06 16.15 6.01
C LEU A 284 13.44 15.55 4.75
N ASN A 285 12.44 16.23 4.22
CA ASN A 285 11.79 15.78 2.99
C ASN A 285 12.67 15.97 1.76
N LYS A 286 13.53 16.98 1.78
CA LYS A 286 14.53 17.17 0.74
C LYS A 286 15.54 16.03 0.79
N ALA A 287 15.93 15.65 2.02
CA ALA A 287 16.87 14.57 2.24
C ALA A 287 16.33 13.24 1.71
N VAL A 288 15.07 12.95 2.01
CA VAL A 288 14.42 11.72 1.58
C VAL A 288 14.40 11.57 0.05
N LEU A 289 13.95 12.62 -0.65
CA LEU A 289 13.91 12.62 -2.10
C LEU A 289 15.30 12.46 -2.71
N HIS A 290 16.24 13.25 -2.20
CA HIS A 290 17.63 13.18 -2.64
C HIS A 290 18.23 11.80 -2.45
N SER A 291 17.95 11.19 -1.30
CA SER A 291 18.52 9.88 -0.97
C SER A 291 18.00 8.76 -1.85
N TYR A 292 16.70 8.78 -2.15
CA TYR A 292 16.12 7.77 -3.03
C TYR A 292 16.60 7.91 -4.47
N LYS A 293 16.64 9.15 -4.97
CA LYS A 293 17.08 9.41 -6.33
C LYS A 293 18.56 9.11 -6.53
N LYS A 294 19.37 9.38 -5.49
CA LYS A 294 20.80 9.12 -5.52
C LYS A 294 21.10 7.62 -5.59
N GLN A 295 20.24 6.81 -4.97
CA GLN A 295 20.42 5.36 -4.91
C GLN A 295 19.75 4.67 -6.10
N GLY A 296 18.89 5.40 -6.81
CA GLY A 296 18.19 4.84 -7.95
C GLY A 296 16.98 4.03 -7.54
N VAL A 297 16.34 4.43 -6.44
CA VAL A 297 15.07 3.83 -6.04
C VAL A 297 13.95 4.80 -6.36
N SER A 298 12.92 4.30 -7.05
CA SER A 298 11.80 5.12 -7.49
C SER A 298 11.11 5.87 -6.34
N ILE A 299 10.80 7.13 -6.58
CA ILE A 299 10.10 7.98 -5.61
C ILE A 299 9.52 9.18 -6.36
N VAL A 300 8.49 9.78 -5.79
CA VAL A 300 7.90 10.98 -6.39
C VAL A 300 7.68 12.04 -5.32
N ASP A 301 7.92 13.30 -5.66
CA ASP A 301 7.65 14.39 -4.73
C ASP A 301 6.17 14.76 -4.81
N HIS A 302 5.68 15.48 -3.82
CA HIS A 302 4.25 15.78 -3.74
C HIS A 302 3.75 16.77 -4.80
N HIS A 303 4.63 17.63 -5.30
CA HIS A 303 4.24 18.58 -6.34
C HIS A 303 4.03 17.85 -7.67
N THR A 304 5.01 17.03 -8.04
CA THR A 304 4.94 16.22 -9.25
C THR A 304 3.74 15.27 -9.20
N ALA A 305 3.53 14.66 -8.05
CA ALA A 305 2.42 13.73 -7.87
C ALA A 305 1.07 14.41 -8.06
N ALA A 306 0.93 15.62 -7.53
CA ALA A 306 -0.30 16.39 -7.70
C ALA A 306 -0.53 16.76 -9.17
N SER A 307 0.55 17.07 -9.89
CA SER A 307 0.45 17.35 -11.32
C SER A 307 -0.04 16.13 -12.06
N GLN A 308 0.51 14.97 -11.73
CA GLN A 308 0.08 13.71 -12.32
C GLN A 308 -1.38 13.44 -11.99
N PHE A 309 -1.79 13.76 -10.77
CA PHE A 309 -3.17 13.56 -10.35
C PHE A 309 -4.12 14.50 -11.10
N LYS A 310 -3.65 15.70 -11.42
CA LYS A 310 -4.43 16.64 -12.23
C LYS A 310 -4.69 16.04 -13.61
N ARG A 311 -3.68 15.39 -14.15
CA ARG A 311 -3.82 14.71 -15.44
C ARG A 311 -4.81 13.56 -15.33
N PHE A 312 -4.80 12.88 -14.18
CA PHE A 312 -5.77 11.82 -13.92
C PHE A 312 -7.19 12.37 -13.90
N GLU A 313 -7.37 13.53 -13.29
CA GLU A 313 -8.66 14.22 -13.30
C GLU A 313 -9.09 14.53 -14.73
N GLU A 314 -8.16 15.06 -15.51
CA GLU A 314 -8.42 15.40 -16.90
C GLU A 314 -8.75 14.17 -17.74
N GLN A 315 -7.95 13.12 -17.55
CA GLN A 315 -8.17 11.85 -18.24
C GLN A 315 -9.54 11.28 -17.93
N ALA A 316 -9.95 11.39 -16.68
CA ALA A 316 -11.24 10.87 -16.23
C ALA A 316 -12.43 11.57 -16.90
N GLU A 317 -12.42 12.89 -16.90
CA GLU A 317 -13.51 13.66 -17.52
C GLU A 317 -13.56 13.41 -19.03
N GLU A 318 -12.38 13.35 -19.64
CA GLU A 318 -12.26 13.08 -21.08
C GLU A 318 -12.81 11.70 -21.43
N ALA A 319 -12.69 10.76 -20.50
CA ALA A 319 -13.17 9.39 -20.72
C ALA A 319 -14.63 9.20 -20.28
N GLY A 320 -15.25 10.27 -19.77
CA GLY A 320 -16.64 10.21 -19.38
C GLY A 320 -16.90 9.49 -18.07
N ARG A 321 -15.84 9.32 -17.27
CA ARG A 321 -15.96 8.70 -15.96
C ARG A 321 -16.10 9.76 -14.87
N LYS A 322 -16.94 9.48 -13.87
CA LYS A 322 -17.02 10.34 -12.72
C LYS A 322 -15.75 10.20 -11.90
N LEU A 323 -15.27 11.31 -11.37
CA LEU A 323 -14.11 11.30 -10.50
C LEU A 323 -14.56 11.24 -9.05
N THR A 324 -13.91 10.41 -8.25
CA THR A 324 -14.15 10.39 -6.82
C THR A 324 -12.83 10.51 -6.08
N GLY A 325 -12.86 11.15 -4.91
CA GLY A 325 -11.65 11.34 -4.13
C GLY A 325 -11.92 11.78 -2.70
N ASP A 326 -10.95 11.52 -1.83
CA ASP A 326 -11.02 11.98 -0.45
C ASP A 326 -10.04 13.15 -0.29
N TRP A 327 -10.60 14.36 -0.27
CA TRP A 327 -9.82 15.59 -0.15
C TRP A 327 -8.86 15.55 1.04
N THR A 328 -9.33 15.02 2.16
CA THR A 328 -8.56 14.99 3.40
C THR A 328 -7.30 14.11 3.31
N TRP A 329 -7.29 13.19 2.35
CA TRP A 329 -6.16 12.29 2.17
C TRP A 329 -5.32 12.63 0.94
N LEU A 330 -5.94 13.28 -0.03
CA LEU A 330 -5.26 13.66 -1.27
C LEU A 330 -4.29 14.81 -1.08
N ILE A 331 -4.64 15.76 -0.22
CA ILE A 331 -3.72 16.87 0.09
C ILE A 331 -2.48 16.33 0.80
N PRO A 332 -1.30 16.74 0.33
CA PRO A 332 -0.04 16.35 0.98
C PRO A 332 0.08 17.02 2.35
N PRO A 333 0.81 16.39 3.29
CA PRO A 333 0.93 16.91 4.65
C PRO A 333 1.90 18.07 4.78
N ILE A 334 2.59 18.42 3.69
CA ILE A 334 3.34 19.67 3.64
C ILE A 334 2.99 20.46 2.38
N SER A 335 2.94 21.79 2.52
CA SER A 335 2.54 22.70 1.45
C SER A 335 1.31 22.26 0.63
N PRO A 336 0.23 21.82 1.29
CA PRO A 336 -0.90 21.36 0.48
C PRO A 336 -1.53 22.48 -0.35
N ALA A 337 -1.50 23.71 0.15
CA ALA A 337 -2.09 24.84 -0.56
C ALA A 337 -1.30 25.22 -1.81
N ALA A 338 -0.14 24.61 -2.00
CA ALA A 338 0.67 24.83 -3.19
C ALA A 338 0.28 23.88 -4.31
N THR A 339 -0.64 22.96 -4.02
CA THR A 339 -1.17 22.04 -5.00
C THR A 339 -2.60 22.43 -5.38
N HIS A 340 -3.01 22.08 -6.60
CA HIS A 340 -4.36 22.38 -7.08
C HIS A 340 -5.41 21.62 -6.27
N ILE A 341 -4.99 20.49 -5.70
CA ILE A 341 -5.87 19.63 -4.91
C ILE A 341 -6.55 20.39 -3.79
N PHE A 342 -5.77 21.19 -3.07
CA PHE A 342 -6.26 21.99 -1.94
C PHE A 342 -7.39 22.92 -2.35
N HIS A 343 -7.37 23.38 -3.59
CA HIS A 343 -8.27 24.45 -4.03
C HIS A 343 -9.51 23.98 -4.78
N ARG A 344 -9.72 22.67 -4.82
CA ARG A 344 -10.97 22.13 -5.36
C ARG A 344 -11.54 21.06 -4.42
N SER A 345 -12.76 20.64 -4.68
CA SER A 345 -13.41 19.62 -3.86
C SER A 345 -13.58 18.31 -4.63
N TYR A 346 -13.78 17.23 -3.89
CA TYR A 346 -13.94 15.91 -4.50
C TYR A 346 -15.12 15.15 -3.90
N ASP A 347 -15.82 14.38 -4.74
CA ASP A 347 -16.88 13.50 -4.29
C ASP A 347 -16.26 12.27 -3.63
N ASN A 348 -16.61 12.01 -2.37
CA ASN A 348 -16.03 10.88 -1.65
C ASN A 348 -16.87 9.61 -1.74
N SER A 349 -17.67 9.48 -2.79
CA SER A 349 -18.50 8.30 -2.98
C SER A 349 -17.65 7.04 -3.21
N ILE A 350 -18.12 5.91 -2.69
CA ILE A 350 -17.43 4.64 -2.88
C ILE A 350 -17.89 3.99 -4.20
N VAL A 351 -16.94 3.72 -5.09
CA VAL A 351 -17.25 2.97 -6.31
C VAL A 351 -16.48 1.65 -6.30
N LYS A 352 -17.17 0.55 -6.63
CA LYS A 352 -16.52 -0.75 -6.73
C LYS A 352 -16.23 -1.06 -8.21
N PRO A 353 -15.18 -1.83 -8.50
CA PRO A 353 -14.22 -2.48 -7.60
C PRO A 353 -13.37 -1.49 -6.77
N ASN A 354 -12.86 -1.95 -5.63
CA ASN A 354 -12.09 -1.09 -4.75
C ASN A 354 -11.29 -1.89 -3.72
N TYR A 355 -10.43 -1.20 -2.98
CA TYR A 355 -9.70 -1.81 -1.87
C TYR A 355 -10.29 -1.32 -0.55
N PHE A 356 -10.49 -2.26 0.37
CA PHE A 356 -11.14 -1.94 1.63
C PHE A 356 -10.31 -2.33 2.85
N TYR A 357 -10.54 -1.63 3.95
CA TYR A 357 -9.98 -2.03 5.24
C TYR A 357 -10.64 -3.32 5.68
N GLN A 358 -9.93 -4.11 6.48
CA GLN A 358 -10.52 -5.27 7.12
C GLN A 358 -9.90 -5.42 8.51
N ASP A 359 -10.62 -6.11 9.40
CA ASP A 359 -10.19 -6.26 10.79
C ASP A 359 -8.89 -7.03 10.92
N LYS A 360 -8.06 -6.59 11.86
CA LYS A 360 -6.79 -7.27 12.12
C LYS A 360 -7.04 -8.54 12.94
N PRO A 361 -6.39 -9.64 12.53
CA PRO A 361 -6.46 -10.92 13.26
C PRO A 361 -5.84 -10.80 14.66
N TYR A 362 -4.68 -10.14 14.74
CA TYR A 362 -4.11 -9.78 16.04
C TYR A 362 -4.87 -8.58 16.61
N GLU A 363 -4.38 -8.01 17.71
CA GLU A 363 -5.13 -7.03 18.50
C GLU A 363 -6.48 -7.63 18.92
CHA HEM B . -3.11 5.77 -0.69
CHB HEM B . 0.46 7.42 -3.50
CHC HEM B . 0.14 3.36 -6.17
CHD HEM B . -3.92 2.16 -3.82
C1A HEM B . -2.03 6.44 -1.19
C2A HEM B . -1.33 7.40 -0.45
C3A HEM B . -0.33 7.87 -1.24
C4A HEM B . -0.41 7.20 -2.47
CMA HEM B . 0.68 8.92 -0.86
CAA HEM B . -1.61 7.85 0.97
CBA HEM B . -1.00 6.81 1.93
CGA HEM B . -0.98 7.30 3.36
O1A HEM B . -1.13 8.50 3.64
O2A HEM B . -0.79 6.47 4.29
C1B HEM B . 0.70 6.40 -4.42
C2B HEM B . 1.83 6.42 -5.28
C3B HEM B . 1.77 5.28 -6.04
C4B HEM B . 0.54 4.58 -5.61
CMB HEM B . 2.90 7.47 -5.34
CAB HEM B . 2.76 4.89 -7.08
CBB HEM B . 2.43 4.27 -8.20
C1C HEM B . -0.96 2.62 -5.74
C2C HEM B . -1.29 1.31 -6.12
C3C HEM B . -2.45 0.95 -5.45
C4C HEM B . -2.82 2.08 -4.65
CMC HEM B . -0.50 0.46 -7.08
CAC HEM B . -3.17 -0.34 -5.54
CBC HEM B . -3.47 -0.96 -6.68
C1D HEM B . -3.95 3.05 -2.74
C2D HEM B . -4.91 2.86 -1.64
C3D HEM B . -4.68 3.86 -0.77
C4D HEM B . -3.59 4.66 -1.34
CMD HEM B . -5.95 1.78 -1.50
CAD HEM B . -5.42 4.12 0.52
CBD HEM B . -4.97 3.23 1.68
CGD HEM B . -5.75 3.61 2.91
O1D HEM B . -5.24 3.53 4.05
O2D HEM B . -6.94 4.01 2.81
NA HEM B . -1.45 6.30 -2.45
NB HEM B . -0.03 5.29 -4.62
NC HEM B . -1.90 3.06 -4.86
ND HEM B . -3.17 4.12 -2.50
FE HEM B . -1.84 4.76 -3.67
N1 H4B C . -4.02 11.86 4.67
C2 H4B C . -3.10 10.89 4.42
N2 H4B C . -2.56 10.81 3.18
N3 H4B C . -2.70 10.01 5.36
C4 H4B C . -3.17 10.02 6.60
O4 H4B C . -2.78 9.18 7.44
C4A H4B C . -4.18 11.05 6.95
C8A H4B C . -4.58 11.99 5.90
N5 H4B C . -4.74 11.15 8.18
N8 H4B C . -5.50 12.95 6.15
C6 H4B C . -6.06 11.77 8.21
C7 H4B C . -5.97 13.11 7.51
C9 H4B C . -6.61 11.86 9.63
O9 H4B C . -5.62 12.40 10.52
C10 H4B C . -7.85 12.75 9.66
C11 H4B C . -8.45 12.81 11.07
O10 H4B C . -8.84 12.23 8.76
CL CL D . 4.32 3.87 4.80
N14 UGT E . 2.91 4.88 -1.60
C06 UGT E . 2.20 4.12 -0.88
C05 UGT E . 1.83 2.77 -1.40
C04 UGT E . 1.86 1.49 -0.88
C03 UGT E . 1.35 0.53 -1.77
C02 UGT E . 0.90 1.02 -2.99
S01 UGT E . 1.14 2.74 -2.97
N07 UGT E . 1.80 4.55 0.32
C08 UGT E . 0.74 4.04 0.98
C13 UGT E . 0.83 3.79 2.34
C09 UGT E . -0.47 3.80 0.32
C10 UGT E . -1.56 3.29 1.00
C11 UGT E . -1.46 3.04 2.36
C12 UGT E . -0.27 3.29 3.04
C15 UGT E . -0.17 3.00 4.52
O16 UGT E . -1.45 2.63 5.04
C17 UGT E . -1.98 3.64 5.90
C21 UGT E . -1.00 4.00 6.99
C18 UGT E . -3.22 3.14 6.62
N19 UGT E . -3.19 3.72 7.97
C20 UGT E . -1.81 4.12 8.28
C1 GOL F . 8.05 7.91 -10.29
O1 GOL F . 7.19 8.96 -10.73
C2 GOL F . 9.42 8.05 -10.94
O2 GOL F . 9.33 7.73 -12.33
C3 GOL F . 10.40 7.08 -10.28
O3 GOL F . 11.21 7.77 -9.32
#